data_5MEB
#
_entry.id   5MEB
#
_cell.length_a   43.930
_cell.length_b   85.870
_cell.length_c   89.190
_cell.angle_alpha   90.00
_cell.angle_beta   90.00
_cell.angle_gamma   90.00
#
_symmetry.space_group_name_H-M   'P 21 21 21'
#
loop_
_entity.id
_entity.type
_entity.pdbx_description
1 polymer 'Cell division cycle protein CDT1'
2 non-polymer 'SULFATE ION'
3 water water
#
_entity_poly.entity_id   1
_entity_poly.type   'polypeptide(L)'
_entity_poly.pdbx_seq_one_letter_code
;G(MSE)AALLSQRQKRYQQFLA(MSE)K(MSE)TQVFDILFSLTRGQPYTETYLSSLIVDSLQDSNNPIGTKEASEILAG
LQGILP(MSE)DISVHQVDGGLKVYRWNSLDKNRFSKLLQIHKSKQQD
;
_entity_poly.pdbx_strand_id   A,B
#
# COMPACT_ATOMS: atom_id res chain seq x y z
N GLY A 1 -14.96 20.45 -26.07
CA GLY A 1 -16.21 19.78 -26.39
C GLY A 1 -16.65 18.85 -25.28
N ALA A 3 -15.70 15.73 -24.67
CA ALA A 3 -14.54 15.07 -24.04
C ALA A 3 -13.87 15.99 -23.02
N ALA A 4 -13.81 17.28 -23.32
CA ALA A 4 -13.21 18.26 -22.42
C ALA A 4 -14.10 18.43 -21.19
N LEU A 5 -15.41 18.52 -21.40
CA LEU A 5 -16.33 18.62 -20.27
C LEU A 5 -16.22 17.45 -19.32
N LEU A 6 -16.17 16.25 -19.88
CA LEU A 6 -16.04 15.04 -19.07
C LEU A 6 -14.70 15.04 -18.30
N SER A 7 -13.64 15.45 -19.00
CA SER A 7 -12.31 15.49 -18.41
C SER A 7 -12.22 16.47 -17.25
N GLN A 8 -12.74 17.68 -17.45
CA GLN A 8 -12.66 18.72 -16.44
C GLN A 8 -13.45 18.37 -15.18
N ARG A 9 -14.67 17.88 -15.35
CA ARG A 9 -15.47 17.52 -14.19
C ARG A 9 -14.81 16.34 -13.45
N GLN A 10 -14.22 15.42 -14.20
CA GLN A 10 -13.52 14.28 -13.61
CA GLN A 10 -13.56 14.28 -13.56
C GLN A 10 -12.38 14.77 -12.73
N LYS A 11 -11.59 15.70 -13.26
CA LYS A 11 -10.43 16.20 -12.51
C LYS A 11 -10.83 16.92 -11.22
N ARG A 12 -11.91 17.68 -11.28
CA ARG A 12 -12.41 18.35 -10.07
C ARG A 12 -12.88 17.32 -9.05
N TYR A 13 -13.52 16.25 -9.52
CA TYR A 13 -13.98 15.22 -8.61
C TYR A 13 -12.79 14.49 -7.98
N GLN A 14 -11.72 14.30 -8.75
CA GLN A 14 -10.54 13.61 -8.24
C GLN A 14 -9.97 14.39 -7.05
N GLN A 15 -9.90 15.71 -7.22
CA GLN A 15 -9.39 16.59 -6.17
C GLN A 15 -10.30 16.58 -4.95
N PHE A 16 -11.60 16.70 -5.20
CA PHE A 16 -12.60 16.66 -4.15
C PHE A 16 -12.47 15.39 -3.30
N LEU A 17 -12.42 14.23 -3.96
CA LEU A 17 -12.36 12.95 -3.24
C LEU A 17 -11.11 12.84 -2.40
N ALA A 18 -9.98 13.25 -2.96
CA ALA A 18 -8.73 13.17 -2.22
C ALA A 18 -8.79 14.09 -0.99
N LYS A 20 -11.55 14.98 0.55
CA LYS A 20 -12.50 14.35 1.48
C LYS A 20 -11.84 13.20 2.21
N THR A 22 -8.78 12.93 3.14
CA THR A 22 -7.95 13.45 4.22
C THR A 22 -8.77 13.92 5.40
N GLN A 23 -9.99 14.40 5.15
CA GLN A 23 -10.86 14.77 6.27
C GLN A 23 -11.42 13.54 6.97
N VAL A 24 -11.67 12.48 6.20
CA VAL A 24 -12.16 11.26 6.82
C VAL A 24 -11.07 10.73 7.75
N PHE A 25 -9.82 10.80 7.29
CA PHE A 25 -8.69 10.37 8.12
C PHE A 25 -8.69 11.18 9.44
N ASP A 26 -8.80 12.51 9.32
CA ASP A 26 -8.89 13.39 10.50
C ASP A 26 -10.03 13.00 11.44
N ILE A 27 -11.17 12.60 10.87
CA ILE A 27 -12.29 12.18 11.69
C ILE A 27 -11.95 10.88 12.42
N LEU A 28 -11.40 9.90 11.70
CA LEU A 28 -11.02 8.62 12.35
C LEU A 28 -9.98 8.87 13.43
N PHE A 29 -9.01 9.74 13.10
CA PHE A 29 -7.97 10.06 14.06
C PHE A 29 -8.53 10.65 15.35
N SER A 30 -9.63 11.38 15.27
CA SER A 30 -10.23 12.02 16.45
C SER A 30 -10.99 11.05 17.36
N LEU A 31 -11.27 9.83 16.86
CA LEU A 31 -12.08 8.87 17.62
C LEU A 31 -11.19 8.11 18.58
N THR A 32 -11.81 7.46 19.55
CA THR A 32 -11.07 6.58 20.46
C THR A 32 -10.57 5.39 19.64
N ARG A 33 -9.26 5.17 19.62
CA ARG A 33 -8.76 4.07 18.80
C ARG A 33 -8.89 2.71 19.52
N GLY A 34 -8.74 1.63 18.76
CA GLY A 34 -8.64 0.30 19.33
C GLY A 34 -9.98 -0.30 19.71
N GLN A 35 -11.05 0.19 19.07
CA GLN A 35 -12.39 -0.38 19.27
C GLN A 35 -13.12 -0.46 17.94
N PRO A 36 -14.06 -1.41 17.79
CA PRO A 36 -14.76 -1.50 16.51
C PRO A 36 -15.75 -0.36 16.27
N TYR A 37 -15.83 0.07 15.03
CA TYR A 37 -16.81 1.07 14.58
C TYR A 37 -17.53 0.54 13.35
N THR A 38 -18.86 0.63 13.32
CA THR A 38 -19.58 0.15 12.17
C THR A 38 -19.44 1.12 11.01
N GLU A 39 -19.54 0.59 9.79
CA GLU A 39 -19.58 1.44 8.60
C GLU A 39 -20.70 2.46 8.72
N THR A 40 -21.85 2.04 9.25
CA THR A 40 -23.04 2.89 9.31
C THR A 40 -22.79 4.10 10.18
N TYR A 41 -22.25 3.86 11.37
CA TYR A 41 -21.88 4.97 12.25
C TYR A 41 -20.85 5.89 11.62
N LEU A 42 -19.78 5.30 11.06
CA LEU A 42 -18.72 6.16 10.45
C LEU A 42 -19.22 6.96 9.24
N SER A 43 -20.02 6.35 8.37
CA SER A 43 -20.49 7.08 7.21
CA SER A 43 -20.57 7.03 7.20
C SER A 43 -21.43 8.22 7.59
N SER A 44 -22.32 8.01 8.58
CA SER A 44 -23.20 9.09 9.03
CA SER A 44 -23.21 9.08 9.03
C SER A 44 -22.40 10.19 9.69
N LEU A 45 -21.34 9.80 10.42
CA LEU A 45 -20.49 10.77 11.10
C LEU A 45 -19.72 11.63 10.09
N ILE A 46 -19.26 11.00 9.02
CA ILE A 46 -18.58 11.72 7.93
C ILE A 46 -19.52 12.73 7.28
N VAL A 47 -20.70 12.26 6.92
CA VAL A 47 -21.69 13.13 6.31
C VAL A 47 -22.08 14.27 7.26
N ASP A 48 -22.37 13.94 8.52
CA ASP A 48 -22.78 14.98 9.47
C ASP A 48 -21.67 15.99 9.72
N SER A 49 -20.43 15.55 9.68
CA SER A 49 -19.27 16.40 10.01
C SER A 49 -18.86 17.34 8.86
N LEU A 50 -19.02 16.85 7.62
CA LEU A 50 -18.42 17.52 6.44
C LEU A 50 -19.44 18.14 5.46
N GLN A 51 -20.71 17.78 5.60
CA GLN A 51 -21.70 18.19 4.60
C GLN A 51 -22.14 19.63 4.85
N ASP A 52 -22.29 20.40 3.77
CA ASP A 52 -23.05 21.63 3.80
C ASP A 52 -23.69 21.90 2.43
N SER A 53 -24.55 22.92 2.38
CA SER A 53 -25.25 23.36 1.18
C SER A 53 -24.38 23.30 -0.10
N ASN A 54 -23.14 23.74 0.03
CA ASN A 54 -22.29 23.95 -1.14
C ASN A 54 -21.27 22.86 -1.38
N ASN A 55 -21.22 21.90 -0.46
CA ASN A 55 -20.21 20.84 -0.50
C ASN A 55 -20.83 19.47 -0.20
N PRO A 56 -21.78 19.04 -1.04
CA PRO A 56 -22.55 17.82 -0.73
C PRO A 56 -21.70 16.57 -0.64
N ILE A 57 -22.05 15.73 0.32
CA ILE A 57 -21.46 14.41 0.36
C ILE A 57 -22.55 13.50 0.91
N GLY A 58 -22.76 12.39 0.23
CA GLY A 58 -23.82 11.47 0.58
C GLY A 58 -23.25 10.30 1.34
N THR A 59 -24.16 9.49 1.87
CA THR A 59 -23.83 8.27 2.59
C THR A 59 -22.99 7.30 1.77
N LYS A 60 -23.44 7.04 0.54
CA LYS A 60 -22.71 6.13 -0.34
C LYS A 60 -21.31 6.64 -0.65
N GLU A 61 -21.17 7.92 -0.98
CA GLU A 61 -19.83 8.51 -1.13
C GLU A 61 -18.96 8.34 0.12
N ALA A 62 -19.53 8.64 1.28
CA ALA A 62 -18.75 8.56 2.52
C ALA A 62 -18.28 7.11 2.74
N SER A 63 -19.19 6.16 2.49
CA SER A 63 -18.83 4.75 2.64
C SER A 63 -17.69 4.31 1.70
N GLU A 64 -17.76 4.73 0.44
CA GLU A 64 -16.71 4.38 -0.53
C GLU A 64 -15.36 5.04 -0.19
N ILE A 65 -15.40 6.29 0.22
CA ILE A 65 -14.18 6.97 0.68
C ILE A 65 -13.52 6.27 1.87
N LEU A 66 -14.33 5.92 2.86
CA LEU A 66 -13.87 5.15 4.00
C LEU A 66 -13.27 3.83 3.55
N ALA A 67 -13.97 3.12 2.67
CA ALA A 67 -13.41 1.88 2.12
C ALA A 67 -12.08 2.10 1.40
N GLY A 68 -11.99 3.21 0.66
CA GLY A 68 -10.76 3.53 -0.04
C GLY A 68 -9.64 3.77 0.94
N LEU A 69 -9.97 4.40 2.06
CA LEU A 69 -8.94 4.77 3.06
C LEU A 69 -8.38 3.47 3.66
N GLN A 70 -9.25 2.54 3.99
CA GLN A 70 -8.77 1.25 4.51
C GLN A 70 -7.89 0.56 3.46
N GLY A 71 -8.25 0.71 2.18
CA GLY A 71 -7.52 0.06 1.10
C GLY A 71 -6.10 0.60 0.95
N ILE A 72 -5.95 1.89 1.26
CA ILE A 72 -4.65 2.58 1.25
C ILE A 72 -3.84 2.36 2.53
N LEU A 73 -4.54 2.17 3.65
CA LEU A 73 -3.92 1.91 4.95
C LEU A 73 -4.24 0.50 5.54
N PRO A 74 -4.05 -0.58 4.76
CA PRO A 74 -4.51 -1.89 5.25
C PRO A 74 -3.70 -2.42 6.43
N ASP A 76 -2.90 -0.44 8.93
CA ASP A 76 -3.29 0.37 10.08
C ASP A 76 -4.76 0.21 10.42
N ILE A 77 -5.57 -0.01 9.39
CA ILE A 77 -7.02 -0.11 9.51
C ILE A 77 -7.50 -1.46 9.00
N SER A 78 -8.24 -2.20 9.83
CA SER A 78 -8.80 -3.47 9.38
C SER A 78 -10.29 -3.33 9.12
N VAL A 79 -10.82 -4.20 8.26
CA VAL A 79 -12.24 -4.21 8.02
C VAL A 79 -12.69 -5.67 8.03
N HIS A 80 -13.81 -5.94 8.68
CA HIS A 80 -14.33 -7.32 8.79
CA HIS A 80 -14.32 -7.31 8.72
C HIS A 80 -15.83 -7.33 8.44
N GLN A 81 -16.28 -8.41 7.84
CA GLN A 81 -17.72 -8.62 7.61
C GLN A 81 -18.03 -10.04 7.99
N VAL A 82 -19.19 -10.25 8.56
CA VAL A 82 -19.64 -11.62 8.78
C VAL A 82 -20.57 -11.99 7.62
N ASP A 83 -20.23 -13.07 6.92
CA ASP A 83 -21.01 -13.58 5.78
CA ASP A 83 -20.97 -13.58 5.75
C ASP A 83 -21.45 -12.47 4.81
N GLY A 84 -20.52 -11.61 4.41
CA GLY A 84 -20.83 -10.55 3.48
C GLY A 84 -21.72 -9.43 4.03
N GLY A 85 -21.94 -9.42 5.34
CA GLY A 85 -22.82 -8.42 5.96
C GLY A 85 -22.14 -7.06 6.25
N LEU A 86 -22.57 -6.45 7.35
CA LEU A 86 -22.12 -5.11 7.74
C LEU A 86 -20.62 -5.01 7.91
N LYS A 87 -20.00 -4.01 7.30
CA LYS A 87 -18.57 -3.79 7.52
C LYS A 87 -18.29 -3.12 8.85
N VAL A 88 -17.27 -3.62 9.54
CA VAL A 88 -16.88 -3.09 10.83
C VAL A 88 -15.38 -2.83 10.77
N TYR A 89 -14.99 -1.61 11.15
CA TYR A 89 -13.63 -1.10 11.04
C TYR A 89 -12.94 -1.04 12.39
N ARG A 90 -11.63 -1.29 12.41
CA ARG A 90 -10.83 -1.19 13.63
C ARG A 90 -9.46 -0.66 13.26
N TRP A 91 -8.85 0.09 14.19
CA TRP A 91 -7.47 0.54 14.03
C TRP A 91 -6.83 0.77 15.41
N ASN A 92 -5.51 0.72 15.46
CA ASN A 92 -4.81 1.18 16.65
C ASN A 92 -4.14 2.52 16.35
N SER A 93 -2.85 2.49 16.09
CA SER A 93 -2.14 3.71 15.74
C SER A 93 -2.40 4.10 14.27
N LEU A 94 -2.66 5.39 14.04
CA LEU A 94 -2.73 5.99 12.69
C LEU A 94 -1.63 7.03 12.59
N ASP A 95 -1.03 7.19 11.42
CA ASP A 95 0.01 8.19 11.20
C ASP A 95 -0.36 9.05 10.00
N LYS A 96 -0.65 10.33 10.22
CA LYS A 96 -1.15 11.16 9.12
C LYS A 96 -0.09 11.41 8.06
N ASN A 97 1.17 11.53 8.49
CA ASN A 97 2.20 11.88 7.53
C ASN A 97 2.45 10.75 6.55
N ARG A 98 2.42 9.52 7.04
CA ARG A 98 2.57 8.40 6.14
CA ARG A 98 2.54 8.35 6.18
C ARG A 98 1.34 8.29 5.24
N PHE A 99 0.15 8.41 5.83
CA PHE A 99 -1.08 8.45 5.03
C PHE A 99 -1.02 9.49 3.90
N SER A 100 -0.63 10.72 4.23
CA SER A 100 -0.59 11.79 3.23
C SER A 100 0.27 11.41 2.05
N LYS A 101 1.41 10.79 2.34
CA LYS A 101 2.31 10.29 1.28
C LYS A 101 1.70 9.14 0.48
N LEU A 102 1.09 8.18 1.17
CA LEU A 102 0.50 7.02 0.51
C LEU A 102 -0.66 7.45 -0.37
N LEU A 103 -1.42 8.46 0.08
CA LEU A 103 -2.53 8.98 -0.70
C LEU A 103 -2.05 9.49 -2.05
N GLN A 104 -0.95 10.23 -2.06
CA GLN A 104 -0.48 10.84 -3.32
C GLN A 104 0.03 9.76 -4.27
N ILE A 105 0.65 8.75 -3.69
CA ILE A 105 1.10 7.63 -4.48
C ILE A 105 -0.08 6.84 -5.07
N HIS A 106 -1.12 6.61 -4.27
CA HIS A 106 -2.22 5.81 -4.77
CA HIS A 106 -2.28 5.84 -4.71
C HIS A 106 -3.01 6.59 -5.82
N LYS A 107 -3.15 7.88 -5.59
CA LYS A 107 -3.82 8.80 -6.49
C LYS A 107 -3.10 8.77 -7.84
N SER A 108 -1.77 8.83 -7.81
CA SER A 108 -0.98 8.71 -9.04
C SER A 108 -1.23 7.41 -9.80
N LYS A 109 -1.18 6.28 -9.09
CA LYS A 109 -1.41 4.97 -9.72
C LYS A 109 -2.75 4.88 -10.44
N GLN A 110 -3.81 5.31 -9.75
CA GLN A 110 -5.17 5.32 -10.29
C GLN A 110 -5.32 6.38 -11.40
N GLN A 111 -4.39 7.32 -11.40
CA GLN A 111 -4.45 8.62 -12.11
C GLN A 111 -5.56 9.49 -11.52
N ASP A 112 -5.53 9.60 -10.18
CA ASP A 112 -6.40 10.45 -9.37
C ASP A 112 -7.85 9.98 -9.40
N GLY B 1 31.13 1.86 22.21
CA GLY B 1 30.75 0.56 22.76
C GLY B 1 29.84 -0.22 21.82
N ALA B 3 26.59 -0.25 21.53
CA ALA B 3 25.51 0.55 20.95
C ALA B 3 25.95 1.22 19.64
N ALA B 4 27.15 1.80 19.63
CA ALA B 4 27.70 2.40 18.40
C ALA B 4 27.89 1.38 17.30
N LEU B 5 28.43 0.21 17.66
CA LEU B 5 28.65 -0.85 16.66
C LEU B 5 27.33 -1.30 16.05
N LEU B 6 26.33 -1.47 16.91
CA LEU B 6 25.00 -1.89 16.47
C LEU B 6 24.37 -0.89 15.52
N SER B 7 24.41 0.38 15.89
CA SER B 7 23.83 1.42 15.06
C SER B 7 24.56 1.58 13.71
N GLN B 8 25.89 1.54 13.72
CA GLN B 8 26.64 1.65 12.48
C GLN B 8 26.28 0.50 11.55
N ARG B 9 26.24 -0.70 12.09
CA ARG B 9 26.01 -1.87 11.26
C ARG B 9 24.59 -1.93 10.75
N GLN B 10 23.65 -1.47 11.56
CA GLN B 10 22.26 -1.44 11.09
C GLN B 10 22.07 -0.43 9.95
N LYS B 11 22.75 0.71 10.04
CA LYS B 11 22.74 1.71 8.96
C LYS B 11 23.31 1.10 7.65
N ARG B 12 24.42 0.36 7.76
CA ARG B 12 25.02 -0.28 6.59
C ARG B 12 24.07 -1.31 5.98
N TYR B 13 23.42 -2.06 6.84
CA TYR B 13 22.51 -3.11 6.38
C TYR B 13 21.21 -2.54 5.77
N GLN B 14 20.66 -1.48 6.36
CA GLN B 14 19.49 -0.84 5.75
C GLN B 14 19.85 -0.30 4.38
N GLN B 15 21.04 0.30 4.27
CA GLN B 15 21.51 0.80 2.98
C GLN B 15 21.69 -0.33 1.94
N PHE B 16 22.24 -1.45 2.40
CA PHE B 16 22.41 -2.62 1.56
C PHE B 16 21.06 -3.15 1.05
N LEU B 17 20.11 -3.33 1.97
CA LEU B 17 18.80 -3.88 1.60
C LEU B 17 18.06 -2.98 0.63
N ALA B 18 18.11 -1.68 0.89
CA ALA B 18 17.49 -0.73 -0.01
C ALA B 18 18.10 -0.83 -1.42
N LYS B 20 19.64 -3.41 -2.71
CA LYS B 20 19.38 -4.74 -3.29
C LYS B 20 17.92 -4.87 -3.71
N THR B 22 16.10 -2.43 -4.79
CA THR B 22 15.93 -1.67 -6.04
C THR B 22 16.47 -2.46 -7.22
N GLN B 23 17.58 -3.17 -7.02
CA GLN B 23 18.11 -4.07 -8.07
C GLN B 23 17.18 -5.21 -8.37
N VAL B 24 16.62 -5.82 -7.34
CA VAL B 24 15.62 -6.85 -7.57
C VAL B 24 14.42 -6.28 -8.36
N PHE B 25 13.97 -5.09 -7.99
CA PHE B 25 12.90 -4.45 -8.76
C PHE B 25 13.29 -4.35 -10.25
N ASP B 26 14.51 -3.87 -10.52
CA ASP B 26 14.98 -3.77 -11.91
C ASP B 26 14.95 -5.14 -12.64
N ILE B 27 15.27 -6.22 -11.93
CA ILE B 27 15.20 -7.56 -12.54
C ILE B 27 13.75 -7.94 -12.83
N LEU B 28 12.86 -7.72 -11.86
CA LEU B 28 11.45 -8.04 -12.12
C LEU B 28 10.93 -7.23 -13.32
N PHE B 29 11.30 -5.95 -13.34
CA PHE B 29 10.81 -5.07 -14.37
C PHE B 29 11.26 -5.55 -15.75
N SER B 30 12.41 -6.23 -15.82
CA SER B 30 12.96 -6.73 -17.11
C SER B 30 12.22 -7.96 -17.63
N LEU B 31 11.44 -8.63 -16.79
CA LEU B 31 10.76 -9.86 -17.21
C LEU B 31 9.41 -9.59 -17.88
N THR B 32 8.81 -10.60 -18.50
CA THR B 32 7.49 -10.45 -19.10
C THR B 32 6.44 -10.33 -17.98
N ARG B 33 5.69 -9.25 -17.94
CA ARG B 33 4.73 -9.03 -16.84
C ARG B 33 3.51 -9.91 -17.06
N GLY B 34 2.72 -10.12 -15.99
CA GLY B 34 1.42 -10.76 -16.10
C GLY B 34 1.48 -12.27 -16.23
N GLN B 35 2.53 -12.88 -15.71
CA GLN B 35 2.55 -14.34 -15.68
C GLN B 35 3.24 -14.81 -14.40
N PRO B 36 2.96 -16.06 -13.97
CA PRO B 36 3.45 -16.45 -12.64
C PRO B 36 4.94 -16.74 -12.71
N TYR B 37 5.65 -16.31 -11.67
CA TYR B 37 7.04 -16.69 -11.46
C TYR B 37 7.23 -17.34 -10.10
N THR B 38 7.91 -18.48 -10.07
CA THR B 38 8.15 -19.16 -8.79
C THR B 38 9.22 -18.45 -7.98
N GLU B 39 9.11 -18.54 -6.67
CA GLU B 39 10.18 -18.03 -5.81
C GLU B 39 11.54 -18.58 -6.21
N THR B 40 11.57 -19.87 -6.56
CA THR B 40 12.82 -20.58 -6.87
C THR B 40 13.52 -19.98 -8.08
N TYR B 41 12.75 -19.78 -9.15
CA TYR B 41 13.28 -19.13 -10.33
C TYR B 41 13.78 -17.73 -10.04
N LEU B 42 12.95 -16.91 -9.37
CA LEU B 42 13.32 -15.53 -9.12
C LEU B 42 14.55 -15.42 -8.22
N SER B 43 14.61 -16.23 -7.16
CA SER B 43 15.78 -16.21 -6.28
C SER B 43 17.07 -16.58 -6.99
N SER B 44 17.01 -17.62 -7.82
CA SER B 44 18.17 -18.02 -8.60
C SER B 44 18.57 -16.94 -9.60
N LEU B 45 17.59 -16.27 -10.19
CA LEU B 45 17.87 -15.20 -11.14
C LEU B 45 18.57 -14.02 -10.46
N ILE B 46 18.10 -13.70 -9.26
CA ILE B 46 18.72 -12.66 -8.47
C ILE B 46 20.20 -12.99 -8.15
N VAL B 47 20.46 -14.19 -7.65
CA VAL B 47 21.82 -14.60 -7.39
C VAL B 47 22.70 -14.61 -8.66
N ASP B 48 22.16 -15.16 -9.74
CA ASP B 48 22.94 -15.26 -10.98
C ASP B 48 23.25 -13.88 -11.53
N SER B 49 22.33 -12.94 -11.31
CA SER B 49 22.43 -11.59 -11.85
C SER B 49 23.34 -10.66 -11.03
N LEU B 50 23.35 -10.83 -9.71
CA LEU B 50 23.98 -9.81 -8.86
C LEU B 50 25.22 -10.30 -8.09
N GLN B 51 25.39 -11.61 -7.95
CA GLN B 51 26.50 -12.11 -7.16
C GLN B 51 27.85 -12.11 -7.91
N ASP B 52 28.94 -11.85 -7.19
CA ASP B 52 30.28 -12.04 -7.70
C ASP B 52 31.24 -12.21 -6.53
N SER B 53 32.53 -12.41 -6.83
CA SER B 53 33.58 -12.67 -5.82
C SER B 53 33.64 -11.70 -4.65
N ASN B 54 33.15 -10.48 -4.83
CA ASN B 54 33.29 -9.48 -3.78
C ASN B 54 31.93 -8.99 -3.33
N ASN B 55 30.88 -9.54 -3.93
CA ASN B 55 29.52 -9.17 -3.60
C ASN B 55 28.65 -10.41 -3.42
N PRO B 56 28.84 -11.11 -2.30
CA PRO B 56 28.14 -12.40 -2.12
C PRO B 56 26.65 -12.23 -1.88
N ILE B 57 25.88 -13.23 -2.30
CA ILE B 57 24.45 -13.31 -1.96
C ILE B 57 23.98 -14.69 -2.40
N GLY B 58 23.34 -15.41 -1.46
CA GLY B 58 22.85 -16.75 -1.74
C GLY B 58 21.35 -16.73 -1.94
N THR B 59 20.79 -17.87 -2.31
CA THR B 59 19.39 -17.86 -2.76
C THR B 59 18.44 -17.64 -1.56
N LYS B 60 18.84 -18.05 -0.36
CA LYS B 60 18.01 -17.75 0.81
C LYS B 60 17.87 -16.27 1.10
N GLU B 61 18.99 -15.55 1.10
CA GLU B 61 18.93 -14.10 1.24
C GLU B 61 18.17 -13.47 0.08
N ALA B 62 18.39 -13.97 -1.13
CA ALA B 62 17.66 -13.43 -2.30
C ALA B 62 16.14 -13.56 -2.13
N SER B 63 15.69 -14.71 -1.63
CA SER B 63 14.24 -14.92 -1.45
CA SER B 63 14.26 -14.94 -1.39
C SER B 63 13.70 -13.99 -0.35
N GLU B 64 14.50 -13.72 0.69
CA GLU B 64 14.08 -12.81 1.73
C GLU B 64 13.98 -11.36 1.18
N ILE B 65 14.94 -10.96 0.35
CA ILE B 65 14.93 -9.61 -0.24
C ILE B 65 13.72 -9.49 -1.18
N LEU B 66 13.46 -10.54 -1.94
CA LEU B 66 12.32 -10.58 -2.86
C LEU B 66 11.03 -10.46 -2.06
N ALA B 67 10.94 -11.22 -0.97
CA ALA B 67 9.75 -11.16 -0.09
C ALA B 67 9.60 -9.74 0.47
N GLY B 68 10.74 -9.13 0.85
CA GLY B 68 10.75 -7.74 1.31
C GLY B 68 10.15 -6.79 0.27
N LEU B 69 10.56 -6.98 -0.98
CA LEU B 69 10.08 -6.13 -2.06
C LEU B 69 8.57 -6.25 -2.26
N GLN B 70 8.05 -7.47 -2.20
CA GLN B 70 6.61 -7.67 -2.34
C GLN B 70 5.90 -6.98 -1.18
N GLY B 71 6.52 -6.98 0.00
CA GLY B 71 5.92 -6.31 1.15
C GLY B 71 5.78 -4.80 1.01
N ILE B 72 6.69 -4.20 0.24
CA ILE B 72 6.70 -2.76 -0.02
C ILE B 72 5.72 -2.42 -1.14
N LEU B 73 5.55 -3.38 -2.06
CA LEU B 73 4.70 -3.23 -3.24
C LEU B 73 3.53 -4.20 -3.28
N PRO B 74 2.81 -4.35 -2.16
CA PRO B 74 1.72 -5.34 -2.24
C PRO B 74 0.58 -4.99 -3.19
N ASP B 76 1.09 -3.91 -6.18
CA ASP B 76 1.61 -4.22 -7.49
C ASP B 76 2.03 -5.68 -7.68
N ILE B 77 2.53 -6.31 -6.63
CA ILE B 77 3.06 -7.67 -6.71
C ILE B 77 2.23 -8.53 -5.76
N SER B 78 1.65 -9.59 -6.29
CA SER B 78 0.94 -10.54 -5.44
C SER B 78 1.83 -11.75 -5.15
N VAL B 79 1.59 -12.41 -4.03
CA VAL B 79 2.31 -13.66 -3.79
C VAL B 79 1.26 -14.63 -3.27
N HIS B 80 1.34 -15.87 -3.74
CA HIS B 80 0.39 -16.88 -3.31
CA HIS B 80 0.39 -16.90 -3.33
C HIS B 80 1.13 -18.17 -2.94
N GLN B 81 0.62 -18.88 -1.93
CA GLN B 81 1.11 -20.19 -1.59
C GLN B 81 -0.07 -21.15 -1.47
N VAL B 82 0.03 -22.31 -2.08
CA VAL B 82 -0.95 -23.35 -1.85
C VAL B 82 -0.59 -24.23 -0.63
N ASP B 83 -1.46 -24.24 0.37
CA ASP B 83 -1.29 -25.03 1.59
C ASP B 83 0.10 -24.80 2.20
N GLY B 84 0.52 -23.55 2.23
CA GLY B 84 1.80 -23.18 2.81
C GLY B 84 3.05 -23.61 2.04
N GLY B 85 2.88 -24.01 0.78
CA GLY B 85 4.00 -24.49 -0.03
C GLY B 85 4.79 -23.40 -0.76
N LEU B 86 5.15 -23.69 -2.00
CA LEU B 86 5.94 -22.80 -2.85
C LEU B 86 5.30 -21.41 -3.05
N LYS B 87 6.07 -20.36 -2.82
CA LYS B 87 5.62 -19.01 -3.16
C LYS B 87 5.67 -18.75 -4.67
N VAL B 88 4.56 -18.24 -5.20
CA VAL B 88 4.47 -17.88 -6.61
C VAL B 88 4.10 -16.41 -6.70
N TYR B 89 4.89 -15.63 -7.46
CA TYR B 89 4.70 -14.19 -7.57
C TYR B 89 4.10 -13.79 -8.91
N ARG B 90 3.31 -12.71 -8.94
CA ARG B 90 2.75 -12.19 -10.19
C ARG B 90 2.66 -10.67 -10.09
N TRP B 91 2.70 -10.00 -11.24
CA TRP B 91 2.46 -8.57 -11.26
C TRP B 91 1.90 -8.24 -12.64
N ASN B 92 1.08 -7.18 -12.70
CA ASN B 92 0.53 -6.69 -13.97
C ASN B 92 1.26 -5.46 -14.46
N SER B 93 1.67 -4.60 -13.54
CA SER B 93 2.22 -3.29 -13.91
C SER B 93 3.13 -2.72 -12.83
N LEU B 94 4.43 -2.82 -13.05
CA LEU B 94 5.40 -2.26 -12.13
C LEU B 94 5.63 -0.80 -12.49
N ASP B 95 6.02 0.01 -11.51
CA ASP B 95 6.35 1.40 -11.75
C ASP B 95 7.46 1.82 -10.81
N LYS B 96 8.64 2.16 -11.33
CA LYS B 96 9.78 2.32 -10.43
C LYS B 96 9.65 3.60 -9.60
N ASN B 97 9.04 4.64 -10.17
CA ASN B 97 8.88 5.89 -9.43
C ASN B 97 8.01 5.67 -8.18
N ARG B 98 6.91 4.96 -8.33
CA ARG B 98 6.12 4.52 -7.18
C ARG B 98 6.91 3.63 -6.18
N PHE B 99 7.67 2.65 -6.69
CA PHE B 99 8.53 1.88 -5.80
C PHE B 99 9.53 2.78 -5.02
N SER B 100 10.20 3.68 -5.73
CA SER B 100 11.16 4.56 -5.08
C SER B 100 10.52 5.33 -3.92
N LYS B 101 9.31 5.86 -4.14
CA LYS B 101 8.60 6.61 -3.11
C LYS B 101 8.19 5.77 -1.89
N LEU B 102 7.68 4.58 -2.16
CA LEU B 102 7.29 3.66 -1.09
C LEU B 102 8.52 3.14 -0.33
N LEU B 103 9.62 2.88 -1.04
CA LEU B 103 10.84 2.47 -0.36
C LEU B 103 11.29 3.56 0.62
N GLN B 104 11.21 4.82 0.20
CA GLN B 104 11.60 5.94 1.08
C GLN B 104 10.67 6.02 2.29
N ILE B 105 9.40 5.68 2.12
CA ILE B 105 8.47 5.63 3.26
C ILE B 105 8.89 4.53 4.25
N HIS B 106 9.23 3.36 3.72
CA HIS B 106 9.64 2.26 4.61
C HIS B 106 10.96 2.56 5.34
N LYS B 107 11.94 3.12 4.66
CA LYS B 107 13.17 3.58 5.31
C LYS B 107 12.81 4.52 6.49
N SER B 108 12.07 5.59 6.18
CA SER B 108 11.52 6.51 7.17
C SER B 108 10.25 5.96 7.85
N LYS B 109 10.41 4.91 8.66
CA LYS B 109 9.28 4.32 9.38
C LYS B 109 9.76 3.49 10.56
#